data_7P3L
#
_entry.id   7P3L
#
_cell.length_a   46.980
_cell.length_b   71.420
_cell.length_c   101.080
_cell.angle_alpha   90.000
_cell.angle_beta   90.000
_cell.angle_gamma   90.000
#
_symmetry.space_group_name_H-M   'P 21 21 21'
#
loop_
_entity.id
_entity.type
_entity.pdbx_description
1 polymer 'Isopenicillin N synthase'
2 non-polymer 'FE (III) ION'
3 non-polymer 'SULFATE ION'
4 non-polymer GLYCEROL
5 non-polymer '2-AMINOHEXANEDIOIC ACID'
6 non-polymer CYSTEINE
7 non-polymer D-homocysteine
8 water water
#
_entity_poly.entity_id   1
_entity_poly.type   'polypeptide(L)'
_entity_poly.pdbx_seq_one_letter_code
;MGSVSKANVPKIDVSPLFGDDQAAKMRVAQQIDAASRDTGFFYAVNHGINVQRLSQKTKEFHMSITPEEKWDLAIRAYNK
EHQDQVRAGYYLSIPGKKAVESFCYLNPNFTPDHPRIQAKTPTHEVNVWPDETKHPGFQDFAEQYYWDVFGLSSALLKGY
ALALGKEENFFARHFKPDDTLASVVLIRYPYLDPYPEAAIKTAADGTKLSFEWHEDVSLITVLYQSNVQNLQVETAAGYQ
DIEADDTGYLINCGSYMAHLTNNYYKAPIHRVKWVNAERQSLPFFVNLGYDSVIDPFDPREPNGKSDREPLSYGDYLQNG
LVSLINKNGQT
;
_entity_poly.pdbx_strand_id   A
#
# COMPACT_ATOMS: atom_id res chain seq x y z
N SER A 3 22.61 -8.36 16.96
CA SER A 3 21.36 -7.61 16.97
C SER A 3 21.21 -6.75 15.72
N VAL A 4 19.98 -6.37 15.41
CA VAL A 4 19.67 -5.52 14.28
C VAL A 4 19.38 -4.13 14.82
N SER A 5 19.91 -3.11 14.17
CA SER A 5 19.64 -1.75 14.58
C SER A 5 18.23 -1.33 14.21
N LYS A 6 17.72 -0.31 14.92
CA LYS A 6 16.40 0.25 14.69
C LYS A 6 16.46 1.31 13.59
N ALA A 7 15.55 1.24 12.63
CA ALA A 7 15.51 2.26 11.61
C ALA A 7 14.94 3.55 12.17
N ASN A 8 15.45 4.68 11.69
N ASN A 8 15.46 4.68 11.67
CA ASN A 8 14.85 5.94 12.08
CA ASN A 8 14.84 5.97 11.93
C ASN A 8 13.57 6.14 11.30
C ASN A 8 13.51 6.05 11.22
N VAL A 9 12.43 6.11 12.00
CA VAL A 9 11.11 6.23 11.40
C VAL A 9 10.40 7.27 12.26
N PRO A 10 10.47 8.51 11.89
CA PRO A 10 9.86 9.54 12.71
C PRO A 10 8.34 9.53 12.69
N LYS A 11 7.76 9.97 13.79
CA LYS A 11 6.31 10.13 13.87
C LYS A 11 5.98 11.57 13.52
N ILE A 12 5.25 11.78 12.46
CA ILE A 12 4.88 13.09 11.93
C ILE A 12 3.37 13.34 12.11
N ASP A 13 3.05 14.38 12.88
CA ASP A 13 1.66 14.84 13.00
C ASP A 13 1.23 15.47 11.71
N VAL A 14 0.36 14.74 11.01
CA VAL A 14 -0.06 15.17 9.68
C VAL A 14 -1.34 15.95 9.74
N SER A 15 -1.88 16.20 10.91
CA SER A 15 -3.16 16.92 10.99
C SER A 15 -3.15 18.29 10.28
N PRO A 16 -2.06 19.06 10.20
CA PRO A 16 -2.16 20.32 9.48
C PRO A 16 -2.46 20.13 8.00
N LEU A 17 -2.17 18.96 7.40
CA LEU A 17 -2.44 18.75 5.99
C LEU A 17 -3.92 18.64 5.68
N PHE A 18 -4.79 18.58 6.67
CA PHE A 18 -6.22 18.59 6.43
C PHE A 18 -6.80 20.01 6.49
N GLY A 19 -5.98 20.97 6.86
CA GLY A 19 -6.47 22.34 7.15
C GLY A 19 -5.94 23.38 6.21
N ASP A 20 -6.03 24.64 6.65
CA ASP A 20 -5.75 25.81 5.80
C ASP A 20 -4.64 26.69 6.36
N ASP A 21 -3.78 26.16 7.23
CA ASP A 21 -2.65 26.91 7.78
C ASP A 21 -1.41 26.56 6.95
N GLN A 22 -1.11 27.44 5.97
CA GLN A 22 -0.12 27.07 4.96
C GLN A 22 1.28 26.97 5.56
N ALA A 23 1.60 27.80 6.53
CA ALA A 23 2.92 27.70 7.17
C ALA A 23 3.06 26.41 7.97
N ALA A 24 2.00 26.03 8.69
CA ALA A 24 2.04 24.74 9.35
C ALA A 24 2.18 23.59 8.36
N LYS A 25 1.49 23.64 7.21
CA LYS A 25 1.64 22.58 6.23
C LYS A 25 3.07 22.54 5.70
N MET A 26 3.72 23.71 5.52
CA MET A 26 5.11 23.69 5.09
C MET A 26 6.02 23.01 6.11
N ARG A 27 5.76 23.22 7.41
CA ARG A 27 6.57 22.56 8.40
C ARG A 27 6.35 21.04 8.43
N VAL A 28 5.15 20.58 8.14
CA VAL A 28 4.93 19.14 7.93
C VAL A 28 5.70 18.66 6.71
N ALA A 29 5.58 19.39 5.58
CA ALA A 29 6.26 19.03 4.36
C ALA A 29 7.75 18.88 4.57
N GLN A 30 8.37 19.75 5.35
CA GLN A 30 9.79 19.60 5.65
C GLN A 30 10.05 18.27 6.31
N GLN A 31 9.19 17.90 7.25
CA GLN A 31 9.37 16.58 7.91
C GLN A 31 9.26 15.43 6.95
N ILE A 32 8.30 15.49 6.06
CA ILE A 32 8.15 14.49 5.03
C ILE A 32 9.40 14.46 4.16
N ASP A 33 9.90 15.62 3.76
CA ASP A 33 11.12 15.68 2.96
C ASP A 33 12.28 14.98 3.69
N ALA A 34 12.50 15.32 4.96
CA ALA A 34 13.60 14.75 5.69
C ALA A 34 13.44 13.22 5.74
N ALA A 35 12.26 12.73 6.09
CA ALA A 35 12.04 11.29 6.20
C ALA A 35 12.29 10.63 4.89
N SER A 36 11.76 11.24 3.80
CA SER A 36 11.92 10.66 2.47
C SER A 36 13.35 10.63 1.98
N ARG A 37 14.23 11.54 2.43
CA ARG A 37 15.62 11.55 2.03
C ARG A 37 16.46 10.64 2.92
N ASP A 38 15.95 10.20 4.08
CA ASP A 38 16.67 9.38 5.06
C ASP A 38 16.31 7.91 4.82
N THR A 39 15.56 7.29 5.71
CA THR A 39 15.28 5.87 5.51
C THR A 39 14.15 5.66 4.54
N GLY A 40 13.32 6.65 4.29
CA GLY A 40 12.19 6.51 3.41
C GLY A 40 10.91 6.15 4.06
N PHE A 41 10.86 6.08 5.35
CA PHE A 41 9.65 5.71 6.06
C PHE A 41 9.36 6.73 7.15
N PHE A 42 8.07 6.93 7.40
CA PHE A 42 7.65 7.67 8.58
C PHE A 42 6.33 7.12 9.04
N TYR A 43 5.96 7.39 10.27
CA TYR A 43 4.59 7.11 10.78
C TYR A 43 3.80 8.40 10.71
N ALA A 44 2.66 8.39 10.09
CA ALA A 44 1.67 9.45 10.14
C ALA A 44 0.83 9.28 11.39
N VAL A 45 0.86 10.26 12.26
CA VAL A 45 0.06 10.27 13.46
C VAL A 45 -0.94 11.41 13.38
N ASN A 46 -1.94 11.37 14.26
CA ASN A 46 -3.01 12.38 14.24
C ASN A 46 -3.70 12.38 12.89
N HIS A 47 -3.89 11.20 12.33
CA HIS A 47 -4.47 10.95 11.01
C HIS A 47 -5.96 10.89 10.99
N GLY A 48 -6.61 10.80 12.10
CA GLY A 48 -8.07 10.85 12.21
C GLY A 48 -8.82 9.55 11.90
N ILE A 49 -8.16 8.50 11.57
CA ILE A 49 -8.84 7.25 11.20
C ILE A 49 -8.94 6.38 12.46
N ASN A 50 -10.09 5.71 12.63
CA ASN A 50 -10.28 4.75 13.71
C ASN A 50 -9.67 3.42 13.32
N VAL A 51 -8.40 3.23 13.65
CA VAL A 51 -7.67 2.02 13.28
C VAL A 51 -8.05 0.89 14.18
N GLN A 52 -8.43 1.12 15.45
CA GLN A 52 -8.85 0.02 16.31
C GLN A 52 -10.07 -0.65 15.70
N ARG A 53 -11.00 0.16 15.18
CA ARG A 53 -12.20 -0.37 14.57
C ARG A 53 -11.91 -1.08 13.26
N LEU A 54 -11.03 -0.49 12.46
CA LEU A 54 -10.56 -1.16 11.26
C LEU A 54 -10.03 -2.56 11.60
N SER A 55 -9.16 -2.65 12.59
CA SER A 55 -8.56 -3.94 12.95
C SER A 55 -9.63 -4.93 13.44
N GLN A 56 -10.60 -4.46 14.22
CA GLN A 56 -11.63 -5.34 14.72
C GLN A 56 -12.51 -5.88 13.60
N LYS A 57 -12.97 -5.00 12.71
CA LYS A 57 -13.82 -5.46 11.60
C LYS A 57 -13.06 -6.39 10.68
N THR A 58 -11.77 -6.12 10.42
CA THR A 58 -10.97 -6.98 9.57
C THR A 58 -10.79 -8.34 10.23
N LYS A 59 -10.57 -8.37 11.55
CA LYS A 59 -10.45 -9.67 12.24
C LYS A 59 -11.74 -10.44 12.14
N GLU A 60 -12.87 -9.76 12.32
CA GLU A 60 -14.15 -10.47 12.28
C GLU A 60 -14.32 -11.13 10.92
N PHE A 61 -13.94 -10.45 9.85
CA PHE A 61 -13.95 -11.03 8.50
C PHE A 61 -13.00 -12.19 8.36
N HIS A 62 -11.73 -11.99 8.67
CA HIS A 62 -10.74 -13.04 8.42
C HIS A 62 -11.07 -14.27 9.20
N MET A 63 -11.61 -14.12 10.42
CA MET A 63 -11.77 -15.30 11.25
C MET A 63 -13.10 -16.01 11.02
N SER A 64 -14.02 -15.42 10.26
CA SER A 64 -15.27 -16.08 9.97
C SER A 64 -15.43 -16.52 8.53
N ILE A 65 -14.65 -16.04 7.58
CA ILE A 65 -14.82 -16.50 6.22
C ILE A 65 -14.42 -17.98 6.13
N THR A 66 -15.16 -18.74 5.35
CA THR A 66 -15.01 -20.19 5.23
C THR A 66 -14.30 -20.59 3.95
N PRO A 67 -13.81 -21.82 3.88
CA PRO A 67 -13.17 -22.28 2.65
C PRO A 67 -14.05 -22.20 1.44
N GLU A 68 -15.34 -22.47 1.62
CA GLU A 68 -16.29 -22.37 0.51
C GLU A 68 -16.33 -20.94 -0.02
N GLU A 69 -16.41 -19.94 0.88
CA GLU A 69 -16.50 -18.56 0.47
C GLU A 69 -15.22 -18.13 -0.23
N LYS A 70 -14.07 -18.62 0.24
CA LYS A 70 -12.80 -18.22 -0.35
C LYS A 70 -12.72 -18.67 -1.80
N TRP A 71 -13.14 -19.92 -2.11
CA TRP A 71 -13.18 -20.31 -3.51
C TRP A 71 -14.09 -19.40 -4.29
N ASP A 72 -15.26 -19.11 -3.73
CA ASP A 72 -16.26 -18.32 -4.44
C ASP A 72 -15.83 -16.88 -4.69
N LEU A 73 -14.88 -16.36 -3.93
CA LEU A 73 -14.36 -15.06 -4.10
C LEU A 73 -12.96 -15.03 -4.69
N ALA A 74 -12.38 -16.17 -5.08
CA ALA A 74 -10.96 -16.25 -5.35
C ALA A 74 -10.57 -15.57 -6.63
N ILE A 75 -9.41 -14.92 -6.62
CA ILE A 75 -8.85 -14.43 -7.84
C ILE A 75 -8.51 -15.55 -8.83
N ARG A 76 -8.27 -15.16 -10.09
CA ARG A 76 -8.00 -16.06 -11.20
C ARG A 76 -6.81 -17.01 -10.93
N ALA A 77 -5.82 -16.53 -10.18
CA ALA A 77 -4.66 -17.36 -9.90
C ALA A 77 -5.03 -18.59 -9.09
N TYR A 78 -6.10 -18.55 -8.32
CA TYR A 78 -6.58 -19.68 -7.56
C TYR A 78 -7.80 -20.33 -8.13
N ASN A 79 -8.56 -19.70 -9.03
CA ASN A 79 -9.83 -20.22 -9.51
C ASN A 79 -9.94 -19.79 -10.97
N LYS A 80 -9.73 -20.75 -11.86
CA LYS A 80 -9.76 -20.52 -13.31
C LYS A 80 -11.10 -20.01 -13.81
N GLU A 81 -12.19 -20.17 -13.05
CA GLU A 81 -13.48 -19.74 -13.50
C GLU A 81 -13.56 -18.21 -13.40
N HIS A 82 -12.69 -17.60 -12.66
CA HIS A 82 -12.81 -16.16 -12.40
C HIS A 82 -11.81 -15.33 -13.24
N GLN A 83 -11.96 -15.40 -14.53
CA GLN A 83 -11.01 -14.78 -15.46
C GLN A 83 -10.95 -13.28 -15.36
N ASP A 84 -11.97 -12.63 -14.83
CA ASP A 84 -11.98 -11.17 -14.71
C ASP A 84 -11.29 -10.71 -13.44
N GLN A 85 -10.97 -11.61 -12.51
CA GLN A 85 -10.44 -11.24 -11.22
C GLN A 85 -8.94 -11.39 -11.22
N VAL A 86 -8.25 -10.39 -11.70
CA VAL A 86 -6.83 -10.41 -11.64
C VAL A 86 -6.37 -9.82 -10.31
N ARG A 87 -6.98 -8.72 -9.87
CA ARG A 87 -6.61 -7.95 -8.70
C ARG A 87 -7.54 -8.19 -7.52
N ALA A 88 -8.85 -8.05 -7.70
CA ALA A 88 -9.82 -7.97 -6.62
C ALA A 88 -10.36 -9.36 -6.28
N GLY A 89 -10.38 -9.69 -4.98
CA GLY A 89 -10.93 -10.95 -4.49
C GLY A 89 -10.03 -11.53 -3.45
N TYR A 90 -10.27 -12.85 -3.26
CA TYR A 90 -9.57 -13.60 -2.19
C TYR A 90 -8.32 -14.26 -2.73
N TYR A 91 -7.28 -14.20 -1.96
CA TYR A 91 -5.94 -14.73 -2.23
C TYR A 91 -5.75 -15.83 -1.17
N LEU A 92 -5.84 -17.09 -1.56
CA LEU A 92 -5.92 -18.22 -0.61
C LEU A 92 -4.56 -18.61 -0.05
N SER A 93 -4.56 -19.09 1.20
CA SER A 93 -3.43 -19.80 1.79
C SER A 93 -3.39 -21.19 1.19
N ILE A 94 -2.29 -21.87 1.41
CA ILE A 94 -2.10 -23.27 1.01
C ILE A 94 -1.51 -23.95 2.23
N PRO A 95 -2.31 -24.56 3.11
CA PRO A 95 -1.78 -25.19 4.32
C PRO A 95 -0.63 -26.13 4.00
N GLY A 96 0.42 -26.07 4.78
CA GLY A 96 1.63 -26.78 4.57
C GLY A 96 2.60 -26.13 3.63
N LYS A 97 2.19 -25.07 2.92
CA LYS A 97 3.05 -24.46 1.92
C LYS A 97 3.08 -22.94 1.98
N LYS A 98 1.95 -22.27 2.16
CA LYS A 98 1.84 -20.84 2.10
C LYS A 98 0.94 -20.41 3.22
N ALA A 99 1.44 -19.59 4.12
CA ALA A 99 0.68 -19.18 5.28
C ALA A 99 -0.22 -17.99 5.02
N VAL A 100 0.24 -16.98 4.29
CA VAL A 100 -0.49 -15.76 4.13
C VAL A 100 -1.76 -15.97 3.31
N GLU A 101 -2.76 -15.17 3.60
CA GLU A 101 -3.98 -15.06 2.80
C GLU A 101 -4.45 -13.62 2.89
N SER A 102 -5.25 -13.20 1.92
CA SER A 102 -5.69 -11.81 1.91
C SER A 102 -6.91 -11.63 1.06
N PHE A 103 -7.50 -10.44 1.20
CA PHE A 103 -8.63 -10.01 0.39
C PHE A 103 -8.34 -8.62 -0.12
N CYS A 104 -8.41 -8.44 -1.44
CA CYS A 104 -8.14 -7.15 -2.08
C CYS A 104 -9.38 -6.60 -2.69
N TYR A 105 -9.59 -5.27 -2.54
CA TYR A 105 -10.65 -4.57 -3.24
C TYR A 105 -10.12 -3.22 -3.76
N LEU A 106 -10.85 -2.75 -4.76
CA LEU A 106 -10.51 -1.56 -5.54
C LEU A 106 -11.53 -0.49 -5.26
N ASN A 107 -11.43 0.58 -6.08
CA ASN A 107 -12.35 1.70 -6.03
C ASN A 107 -13.77 1.22 -6.05
N PRO A 108 -14.59 1.58 -5.04
CA PRO A 108 -15.98 1.21 -5.09
C PRO A 108 -16.75 1.80 -6.26
N ASN A 109 -16.28 2.88 -6.87
CA ASN A 109 -16.91 3.47 -8.01
C ASN A 109 -16.68 2.68 -9.32
N PHE A 110 -15.88 1.62 -9.26
CA PHE A 110 -15.78 0.74 -10.46
C PHE A 110 -16.97 -0.21 -10.44
N THR A 111 -18.05 0.27 -10.94
CA THR A 111 -19.31 -0.43 -11.06
C THR A 111 -19.48 -0.94 -12.51
N PRO A 112 -20.46 -1.79 -12.76
CA PRO A 112 -20.59 -2.33 -14.11
C PRO A 112 -20.78 -1.26 -15.16
N ASP A 113 -21.36 -0.12 -14.82
CA ASP A 113 -21.57 0.98 -15.75
C ASP A 113 -20.36 1.96 -15.82
N HIS A 114 -19.31 1.74 -15.07
CA HIS A 114 -18.16 2.69 -15.11
C HIS A 114 -17.52 2.61 -16.51
N PRO A 115 -17.17 3.72 -17.14
CA PRO A 115 -16.64 3.66 -18.50
C PRO A 115 -15.42 2.78 -18.63
N ARG A 116 -14.56 2.65 -17.66
CA ARG A 116 -13.38 1.82 -17.80
C ARG A 116 -13.68 0.36 -17.65
N ILE A 117 -14.75 0.03 -16.91
CA ILE A 117 -15.24 -1.36 -16.84
C ILE A 117 -15.89 -1.72 -18.16
N GLN A 118 -16.75 -0.83 -18.69
CA GLN A 118 -17.35 -1.04 -20.00
C GLN A 118 -16.29 -1.27 -21.07
N ALA A 119 -15.21 -0.50 -21.05
CA ALA A 119 -14.16 -0.61 -22.05
C ALA A 119 -13.23 -1.79 -21.80
N LYS A 120 -13.31 -2.42 -20.63
CA LYS A 120 -12.47 -3.54 -20.25
C LYS A 120 -11.02 -3.12 -20.15
N THR A 121 -10.77 -1.95 -19.65
CA THR A 121 -9.42 -1.44 -19.55
C THR A 121 -8.71 -2.26 -18.48
N PRO A 122 -7.49 -2.73 -18.72
CA PRO A 122 -6.76 -3.49 -17.71
C PRO A 122 -6.63 -2.71 -16.41
N THR A 123 -6.55 -3.43 -15.31
CA THR A 123 -6.36 -3.00 -13.91
C THR A 123 -7.65 -2.50 -13.29
N HIS A 124 -8.74 -2.34 -14.06
CA HIS A 124 -10.03 -1.98 -13.50
C HIS A 124 -10.91 -3.22 -13.41
N GLU A 125 -11.50 -3.40 -12.25
CA GLU A 125 -12.42 -4.54 -12.03
C GLU A 125 -13.49 -4.10 -11.06
N VAL A 126 -14.64 -4.75 -11.15
CA VAL A 126 -15.71 -4.62 -10.18
C VAL A 126 -15.39 -5.51 -8.95
N ASN A 127 -15.43 -4.92 -7.77
CA ASN A 127 -15.17 -5.64 -6.56
C ASN A 127 -16.13 -6.78 -6.38
N VAL A 128 -15.65 -7.84 -5.71
CA VAL A 128 -16.43 -9.01 -5.31
C VAL A 128 -16.51 -8.95 -3.78
N TRP A 129 -17.67 -9.33 -3.24
CA TRP A 129 -17.92 -9.29 -1.81
C TRP A 129 -18.54 -10.58 -1.35
N PRO A 130 -18.29 -10.98 -0.11
CA PRO A 130 -19.00 -12.12 0.45
C PRO A 130 -20.47 -11.83 0.66
N ASP A 131 -21.22 -12.87 0.98
N ASP A 131 -21.23 -12.86 0.98
CA ASP A 131 -22.66 -12.73 1.22
CA ASP A 131 -22.65 -12.70 1.18
C ASP A 131 -22.90 -11.80 2.41
C ASP A 131 -22.91 -11.80 2.40
N GLU A 132 -23.79 -10.82 2.23
CA GLU A 132 -24.09 -9.88 3.31
C GLU A 132 -24.60 -10.57 4.56
N THR A 133 -25.43 -11.61 4.40
CA THR A 133 -25.95 -12.26 5.58
C THR A 133 -24.86 -13.00 6.37
N LYS A 134 -23.83 -13.47 5.70
CA LYS A 134 -22.75 -14.14 6.41
C LYS A 134 -21.74 -13.17 7.00
N HIS A 135 -21.63 -11.96 6.45
CA HIS A 135 -20.70 -10.94 6.93
C HIS A 135 -21.42 -9.61 7.04
N PRO A 136 -22.31 -9.50 7.98
CA PRO A 136 -23.17 -8.30 8.03
C PRO A 136 -22.34 -7.06 8.27
N GLY A 137 -22.58 -6.05 7.45
CA GLY A 137 -21.89 -4.79 7.59
C GLY A 137 -20.54 -4.72 6.98
N PHE A 138 -19.95 -5.84 6.56
CA PHE A 138 -18.57 -5.84 6.12
C PHE A 138 -18.34 -5.00 4.86
N GLN A 139 -19.12 -5.22 3.82
CA GLN A 139 -18.95 -4.48 2.58
C GLN A 139 -19.07 -2.99 2.85
N ASP A 140 -20.07 -2.57 3.63
CA ASP A 140 -20.27 -1.17 3.89
C ASP A 140 -19.11 -0.61 4.68
N PHE A 141 -18.61 -1.35 5.64
CA PHE A 141 -17.50 -0.92 6.42
C PHE A 141 -16.29 -0.72 5.52
N ALA A 142 -16.01 -1.72 4.68
CA ALA A 142 -14.81 -1.74 3.83
C ALA A 142 -14.86 -0.62 2.81
N GLU A 143 -16.07 -0.32 2.24
CA GLU A 143 -16.15 0.77 1.26
C GLU A 143 -15.94 2.11 1.96
N GLN A 144 -16.48 2.29 3.16
CA GLN A 144 -16.26 3.54 3.90
C GLN A 144 -14.79 3.66 4.28
N TYR A 145 -14.12 2.56 4.61
CA TYR A 145 -12.68 2.62 4.94
C TYR A 145 -11.91 3.05 3.75
N TYR A 146 -12.27 2.60 2.56
CA TYR A 146 -11.59 3.04 1.34
C TYR A 146 -11.63 4.57 1.30
N TRP A 147 -12.77 5.19 1.51
CA TRP A 147 -12.90 6.62 1.41
C TRP A 147 -12.18 7.33 2.59
N ASP A 148 -12.17 6.74 3.77
CA ASP A 148 -11.42 7.31 4.89
C ASP A 148 -9.92 7.35 4.60
N VAL A 149 -9.34 6.27 4.11
CA VAL A 149 -7.93 6.24 3.82
C VAL A 149 -7.59 6.94 2.50
N PHE A 150 -8.56 7.07 1.61
CA PHE A 150 -8.39 7.95 0.45
C PHE A 150 -8.22 9.37 0.91
N GLY A 151 -9.02 9.80 1.90
CA GLY A 151 -8.93 11.17 2.39
C GLY A 151 -7.58 11.43 3.05
N LEU A 152 -7.11 10.49 3.87
CA LEU A 152 -5.81 10.61 4.49
C LEU A 152 -4.73 10.69 3.42
N SER A 153 -4.82 9.88 2.40
CA SER A 153 -3.85 9.80 1.33
C SER A 153 -3.82 11.08 0.53
N SER A 154 -4.96 11.71 0.30
CA SER A 154 -5.00 13.00 -0.39
C SER A 154 -4.26 14.02 0.40
N ALA A 155 -4.46 14.04 1.73
CA ALA A 155 -3.74 14.99 2.59
C ALA A 155 -2.25 14.73 2.57
N LEU A 156 -1.83 13.46 2.62
CA LEU A 156 -0.39 13.15 2.58
C LEU A 156 0.22 13.56 1.23
N LEU A 157 -0.50 13.44 0.15
CA LEU A 157 -0.02 13.84 -1.16
C LEU A 157 0.14 15.35 -1.21
N LYS A 158 -0.68 16.13 -0.50
CA LYS A 158 -0.43 17.56 -0.44
C LYS A 158 0.89 17.82 0.25
N GLY A 159 1.19 17.05 1.29
CA GLY A 159 2.47 17.20 1.97
C GLY A 159 3.67 16.83 1.11
N TYR A 160 3.56 15.72 0.37
CA TYR A 160 4.67 15.37 -0.55
C TYR A 160 4.88 16.45 -1.62
N ALA A 161 3.80 16.97 -2.16
CA ALA A 161 3.91 17.96 -3.22
C ALA A 161 4.64 19.20 -2.68
N LEU A 162 4.22 19.69 -1.50
CA LEU A 162 4.88 20.84 -0.90
C LEU A 162 6.33 20.56 -0.59
N ALA A 163 6.63 19.31 -0.15
CA ALA A 163 7.99 18.94 0.18
C ALA A 163 8.90 19.03 -1.03
N LEU A 164 8.37 18.75 -2.21
CA LEU A 164 9.15 18.78 -3.42
C LEU A 164 9.16 20.13 -4.11
N GLY A 165 8.65 21.18 -3.47
CA GLY A 165 8.70 22.50 -4.09
C GLY A 165 7.55 22.79 -5.04
N LYS A 166 6.48 21.97 -5.02
CA LYS A 166 5.34 22.09 -5.93
C LYS A 166 4.14 22.68 -5.18
N GLU A 167 3.12 23.07 -5.93
N GLU A 167 3.11 23.06 -5.93
CA GLU A 167 1.87 23.46 -5.30
CA GLU A 167 1.84 23.46 -5.33
C GLU A 167 1.19 22.21 -4.75
C GLU A 167 1.16 22.21 -4.78
N GLU A 168 0.31 22.41 -3.75
CA GLU A 168 -0.14 21.26 -2.97
C GLU A 168 -0.99 20.25 -3.76
N ASN A 169 -1.57 20.62 -4.90
N ASN A 169 -1.56 20.63 -4.92
CA ASN A 169 -2.37 19.68 -5.68
CA ASN A 169 -2.38 19.76 -5.76
C ASN A 169 -1.60 19.05 -6.82
C ASN A 169 -1.58 18.93 -6.75
N PHE A 170 -0.25 19.05 -6.75
CA PHE A 170 0.57 18.52 -7.82
C PHE A 170 0.31 17.01 -8.07
N PHE A 171 0.21 16.22 -7.01
CA PHE A 171 -0.16 14.80 -7.13
C PHE A 171 -1.63 14.64 -6.95
N ALA A 172 -2.24 15.32 -5.99
CA ALA A 172 -3.64 15.05 -5.64
C ALA A 172 -4.60 15.36 -6.75
N ARG A 173 -4.24 16.22 -7.70
CA ARG A 173 -5.12 16.46 -8.85
C ARG A 173 -5.31 15.23 -9.72
N HIS A 174 -4.42 14.27 -9.62
CA HIS A 174 -4.43 13.01 -10.37
C HIS A 174 -5.03 11.88 -9.56
N PHE A 175 -5.47 12.15 -8.34
CA PHE A 175 -5.93 11.16 -7.37
C PHE A 175 -7.38 11.44 -7.05
N LYS A 176 -8.28 10.81 -7.79
CA LYS A 176 -9.65 11.29 -7.84
C LYS A 176 -10.59 10.12 -7.58
N PRO A 177 -11.69 10.33 -6.90
CA PRO A 177 -12.58 9.22 -6.57
C PRO A 177 -13.14 8.53 -7.77
N ASP A 178 -13.36 9.22 -8.87
CA ASP A 178 -14.02 8.55 -10.01
C ASP A 178 -13.05 7.61 -10.72
N ASP A 179 -11.75 7.73 -10.58
CA ASP A 179 -10.87 6.93 -11.41
C ASP A 179 -9.66 6.29 -10.73
N THR A 180 -9.44 6.53 -9.47
CA THR A 180 -8.20 6.07 -8.84
C THR A 180 -8.11 4.54 -8.90
N LEU A 181 -6.93 4.04 -9.25
CA LEU A 181 -6.58 2.61 -9.24
C LEU A 181 -6.10 2.13 -7.88
N ALA A 182 -6.23 2.94 -6.86
CA ALA A 182 -5.83 2.54 -5.52
C ALA A 182 -6.52 1.28 -5.02
N SER A 183 -5.82 0.50 -4.23
CA SER A 183 -6.36 -0.74 -3.67
C SER A 183 -6.16 -0.79 -2.18
N VAL A 184 -7.07 -1.53 -1.51
CA VAL A 184 -6.95 -1.94 -0.14
C VAL A 184 -6.63 -3.43 -0.18
N VAL A 185 -5.67 -3.89 0.61
CA VAL A 185 -5.47 -5.34 0.83
C VAL A 185 -5.55 -5.64 2.30
N LEU A 186 -6.47 -6.53 2.66
CA LEU A 186 -6.61 -6.99 4.06
C LEU A 186 -5.85 -8.29 4.20
N ILE A 187 -4.62 -8.20 4.70
CA ILE A 187 -3.77 -9.40 4.78
C ILE A 187 -3.81 -10.02 6.17
N ARG A 188 -4.03 -11.33 6.19
CA ARG A 188 -3.91 -12.15 7.40
C ARG A 188 -2.60 -12.89 7.34
N TYR A 189 -1.76 -12.61 8.35
CA TYR A 189 -0.56 -13.44 8.63
C TYR A 189 -0.88 -14.26 9.83
N PRO A 190 -1.01 -15.57 9.69
CA PRO A 190 -1.50 -16.37 10.81
C PRO A 190 -0.43 -16.85 11.79
N TYR A 191 -0.87 -17.17 12.98
CA TYR A 191 -0.10 -18.05 13.87
C TYR A 191 -0.34 -19.48 13.42
N LEU A 192 0.70 -20.30 13.32
CA LEU A 192 0.59 -21.70 12.90
C LEU A 192 1.50 -22.53 13.77
N ASP A 193 0.99 -23.67 14.25
CA ASP A 193 1.76 -24.60 15.04
C ASP A 193 1.45 -26.02 14.56
N PRO A 194 2.35 -26.65 13.80
CA PRO A 194 3.64 -26.12 13.37
C PRO A 194 3.55 -25.21 12.17
N TYR A 195 4.55 -24.31 12.07
CA TYR A 195 4.57 -23.40 10.92
C TYR A 195 5.36 -24.07 9.83
N PRO A 196 4.80 -24.21 8.64
CA PRO A 196 5.54 -24.96 7.60
C PRO A 196 6.75 -24.18 7.08
N GLU A 197 7.88 -24.91 7.06
CA GLU A 197 9.11 -24.32 6.56
C GLU A 197 8.97 -23.85 5.12
N ALA A 198 8.12 -24.50 4.34
CA ALA A 198 7.94 -24.05 2.98
C ALA A 198 7.34 -22.69 2.84
N ALA A 199 6.70 -22.13 3.89
CA ALA A 199 6.18 -20.78 3.82
C ALA A 199 7.14 -19.73 4.39
N ILE A 200 8.36 -20.19 4.69
CA ILE A 200 9.43 -19.34 5.23
C ILE A 200 10.53 -19.25 4.20
N LYS A 201 10.90 -18.07 3.81
CA LYS A 201 12.03 -17.83 2.94
C LYS A 201 13.21 -17.37 3.78
N THR A 202 14.44 -17.57 3.25
CA THR A 202 15.65 -17.15 3.94
C THR A 202 16.40 -16.13 3.10
N ALA A 203 16.67 -14.97 3.70
CA ALA A 203 17.46 -13.95 3.04
C ALA A 203 18.93 -14.36 2.97
N ALA A 204 19.66 -13.63 2.13
CA ALA A 204 21.09 -13.92 2.03
C ALA A 204 21.82 -13.78 3.36
N ASP A 205 21.36 -12.89 4.23
CA ASP A 205 22.00 -12.69 5.53
C ASP A 205 21.45 -13.62 6.59
N GLY A 206 20.60 -14.58 6.21
CA GLY A 206 20.12 -15.60 7.10
C GLY A 206 18.79 -15.28 7.75
N THR A 207 18.28 -14.07 7.62
CA THR A 207 16.99 -13.71 8.20
C THR A 207 15.87 -14.53 7.59
N LYS A 208 15.01 -15.07 8.44
CA LYS A 208 13.80 -15.76 8.00
C LYS A 208 12.74 -14.76 7.65
N LEU A 209 12.18 -14.88 6.44
CA LEU A 209 11.23 -13.95 5.86
C LEU A 209 9.91 -14.58 5.49
N SER A 210 8.89 -13.76 5.50
CA SER A 210 7.62 -14.08 4.87
C SER A 210 7.47 -13.46 3.49
N PHE A 211 8.17 -12.36 3.22
CA PHE A 211 8.10 -11.74 1.88
C PHE A 211 9.43 -11.04 1.62
N GLU A 212 10.00 -11.33 0.46
CA GLU A 212 11.34 -10.90 0.10
C GLU A 212 11.44 -9.38 -0.21
N TRP A 213 12.68 -8.95 -0.36
CA TRP A 213 12.96 -7.55 -0.65
C TRP A 213 12.24 -7.12 -1.91
N HIS A 214 11.84 -5.84 -1.89
CA HIS A 214 11.12 -5.28 -3.02
C HIS A 214 11.05 -3.79 -2.81
N GLU A 215 10.72 -3.07 -3.90
CA GLU A 215 10.17 -1.73 -3.82
C GLU A 215 8.67 -1.78 -4.11
N ASP A 216 7.91 -0.90 -3.49
CA ASP A 216 6.46 -0.88 -3.68
C ASP A 216 6.09 -0.41 -5.09
N VAL A 217 5.05 -1.03 -5.63
CA VAL A 217 4.39 -0.57 -6.86
C VAL A 217 3.28 0.36 -6.38
N SER A 218 3.56 1.63 -6.34
CA SER A 218 2.67 2.65 -5.81
C SER A 218 3.30 4.02 -6.09
N LEU A 219 2.50 5.06 -5.93
CA LEU A 219 3.06 6.40 -5.75
C LEU A 219 3.54 6.54 -4.29
N ILE A 220 2.65 6.32 -3.33
CA ILE A 220 2.98 6.08 -1.92
C ILE A 220 2.11 4.93 -1.44
N THR A 221 2.54 4.39 -0.29
CA THR A 221 1.86 3.30 0.41
C THR A 221 1.50 3.74 1.82
N VAL A 222 0.27 3.49 2.22
CA VAL A 222 -0.31 3.99 3.47
C VAL A 222 -0.78 2.76 4.24
N LEU A 223 -0.03 2.34 5.24
CA LEU A 223 -0.11 0.98 5.74
C LEU A 223 -0.45 0.95 7.22
N TYR A 224 -1.49 0.21 7.61
N TYR A 224 -1.45 0.16 7.62
CA TYR A 224 -1.74 -0.12 9.03
CA TYR A 224 -1.73 -0.12 9.01
C TYR A 224 -1.24 -1.54 9.25
C TYR A 224 -1.30 -1.56 9.28
N GLN A 225 -0.58 -1.77 10.36
CA GLN A 225 -0.26 -3.11 10.80
C GLN A 225 -0.49 -3.26 12.28
N SER A 226 -0.80 -4.47 12.69
N SER A 226 -0.89 -4.44 12.72
CA SER A 226 -0.83 -4.89 14.07
CA SER A 226 -1.04 -4.69 14.14
C SER A 226 0.43 -4.59 14.83
C SER A 226 0.33 -4.79 14.79
N ASN A 227 0.38 -4.72 16.15
CA ASN A 227 1.57 -4.47 16.93
C ASN A 227 2.45 -5.72 17.06
N VAL A 228 3.01 -6.12 15.91
CA VAL A 228 4.02 -7.18 15.87
C VAL A 228 5.09 -6.69 14.91
N GLN A 229 6.30 -6.50 15.43
CA GLN A 229 7.37 -5.99 14.59
C GLN A 229 7.68 -6.97 13.49
N ASN A 230 7.78 -6.46 12.24
CA ASN A 230 8.10 -7.37 11.14
C ASN A 230 8.82 -6.75 9.96
N LEU A 231 8.68 -5.45 9.72
CA LEU A 231 9.25 -4.86 8.51
C LEU A 231 10.72 -4.46 8.75
N GLN A 232 11.52 -4.64 7.70
CA GLN A 232 12.88 -4.18 7.69
C GLN A 232 13.15 -3.35 6.45
N VAL A 233 13.98 -2.31 6.62
CA VAL A 233 14.32 -1.41 5.50
C VAL A 233 15.82 -1.50 5.25
N GLU A 234 16.22 -1.57 3.98
CA GLU A 234 17.63 -1.53 3.62
C GLU A 234 18.09 -0.08 3.63
N THR A 235 19.16 0.15 4.35
CA THR A 235 19.85 1.42 4.37
C THR A 235 21.29 1.18 4.00
N ALA A 236 22.04 2.28 3.91
CA ALA A 236 23.49 2.16 3.71
C ALA A 236 24.17 1.43 4.85
N ALA A 237 23.53 1.34 6.02
CA ALA A 237 24.08 0.61 7.14
C ALA A 237 23.53 -0.81 7.24
N GLY A 238 22.81 -1.25 6.24
CA GLY A 238 22.27 -2.60 6.25
C GLY A 238 20.78 -2.58 6.52
N TYR A 239 20.19 -3.78 6.64
CA TYR A 239 18.77 -3.83 6.95
C TYR A 239 18.54 -3.46 8.42
N GLN A 240 17.56 -2.62 8.67
CA GLN A 240 17.24 -2.14 9.99
C GLN A 240 15.76 -2.39 10.25
N ASP A 241 15.43 -2.67 11.51
CA ASP A 241 14.07 -2.96 11.91
C ASP A 241 13.22 -1.72 12.03
N ILE A 242 12.05 -1.75 11.41
CA ILE A 242 11.02 -0.72 11.56
C ILE A 242 10.15 -1.13 12.75
N GLU A 243 10.14 -0.34 13.79
CA GLU A 243 9.32 -0.62 14.96
C GLU A 243 7.85 -0.53 14.59
N ALA A 244 7.03 -1.40 15.16
CA ALA A 244 5.60 -1.30 14.95
C ALA A 244 4.97 -0.16 15.71
N ASP A 245 3.86 0.35 15.19
CA ASP A 245 3.03 1.38 15.87
C ASP A 245 1.61 1.16 15.35
N ASP A 246 0.82 0.41 16.14
CA ASP A 246 -0.55 0.10 15.73
C ASP A 246 -1.52 1.23 15.99
N THR A 247 -1.02 2.45 16.23
CA THR A 247 -1.85 3.64 16.32
C THR A 247 -1.63 4.55 15.14
N GLY A 248 -0.62 4.30 14.32
CA GLY A 248 -0.22 5.17 13.24
C GLY A 248 -0.31 4.43 11.91
N TYR A 249 -0.15 5.15 10.85
CA TYR A 249 0.05 4.62 9.51
C TYR A 249 1.50 4.73 9.08
N LEU A 250 2.05 3.67 8.63
CA LEU A 250 3.41 3.67 8.12
C LEU A 250 3.35 4.07 6.65
N ILE A 251 4.12 5.11 6.30
CA ILE A 251 4.09 5.71 4.95
C ILE A 251 5.45 5.50 4.31
N ASN A 252 5.43 5.18 3.04
CA ASN A 252 6.67 5.21 2.23
C ASN A 252 6.31 5.47 0.78
N CYS A 253 7.29 5.85 0.02
CA CYS A 253 7.15 6.08 -1.42
C CYS A 253 7.31 4.76 -2.17
N GLY A 254 6.60 4.67 -3.29
CA GLY A 254 6.72 3.59 -4.25
C GLY A 254 7.53 4.05 -5.48
N SER A 255 7.79 3.10 -6.39
CA SER A 255 8.72 3.35 -7.45
C SER A 255 8.17 4.35 -8.47
N TYR A 256 6.88 4.67 -8.46
CA TYR A 256 6.43 5.79 -9.33
C TYR A 256 6.91 7.14 -8.79
N MET A 257 6.95 7.28 -7.47
CA MET A 257 7.49 8.51 -6.91
C MET A 257 8.98 8.63 -7.21
N ALA A 258 9.72 7.52 -7.06
CA ALA A 258 11.13 7.51 -7.44
C ALA A 258 11.33 7.94 -8.88
N HIS A 259 10.51 7.43 -9.77
CA HIS A 259 10.66 7.81 -11.17
C HIS A 259 10.41 9.30 -11.40
N LEU A 260 9.33 9.82 -10.81
N LEU A 260 9.34 9.83 -10.85
CA LEU A 260 8.92 11.20 -11.03
CA LEU A 260 9.02 11.22 -11.19
C LEU A 260 9.96 12.18 -10.52
C LEU A 260 9.90 12.24 -10.47
N THR A 261 10.62 11.82 -9.41
CA THR A 261 11.56 12.70 -8.72
C THR A 261 13.01 12.41 -9.10
N ASN A 262 13.22 11.57 -10.11
CA ASN A 262 14.58 11.18 -10.52
C ASN A 262 15.37 10.64 -9.34
N ASN A 263 14.70 9.87 -8.52
CA ASN A 263 15.25 9.16 -7.37
C ASN A 263 15.66 10.08 -6.25
N TYR A 264 15.21 11.35 -6.23
CA TYR A 264 15.41 12.19 -5.05
C TYR A 264 14.66 11.62 -3.86
N TYR A 265 13.39 11.19 -4.05
CA TYR A 265 12.69 10.37 -3.06
C TYR A 265 12.71 8.96 -3.60
N LYS A 266 13.66 8.16 -3.10
CA LYS A 266 13.78 6.78 -3.48
C LYS A 266 12.62 5.96 -2.97
N ALA A 267 12.28 4.91 -3.70
CA ALA A 267 11.38 3.90 -3.20
C ALA A 267 12.20 2.94 -2.32
N PRO A 268 12.04 2.99 -0.97
CA PRO A 268 12.97 2.23 -0.12
C PRO A 268 12.74 0.74 -0.37
N ILE A 269 13.81 0.00 -0.39
CA ILE A 269 13.78 -1.46 -0.43
C ILE A 269 13.50 -1.97 0.97
N HIS A 270 12.50 -2.86 1.08
CA HIS A 270 12.10 -3.38 2.37
C HIS A 270 11.61 -4.81 2.19
N ARG A 271 11.51 -5.50 3.32
CA ARG A 271 11.17 -6.93 3.35
C ARG A 271 10.41 -7.24 4.62
N VAL A 272 9.69 -8.38 4.65
CA VAL A 272 8.84 -8.73 5.78
C VAL A 272 9.45 -9.93 6.47
N LYS A 273 9.86 -9.77 7.72
CA LYS A 273 10.41 -10.89 8.48
C LYS A 273 9.30 -11.89 8.77
N TRP A 274 9.69 -13.17 8.87
CA TRP A 274 8.84 -14.21 9.40
C TRP A 274 8.72 -14.03 10.94
N VAL A 275 7.48 -14.02 11.39
CA VAL A 275 7.15 -14.02 12.81
C VAL A 275 6.01 -14.96 12.98
N ASN A 276 6.10 -15.87 13.94
CA ASN A 276 4.96 -16.81 14.14
C ASN A 276 3.98 -16.17 15.13
N ALA A 277 3.17 -15.28 14.56
CA ALA A 277 2.19 -14.53 15.35
C ALA A 277 1.00 -14.19 14.46
N GLU A 278 -0.18 -14.21 15.05
CA GLU A 278 -1.40 -13.84 14.34
C GLU A 278 -1.47 -12.35 14.21
N ARG A 279 -1.47 -11.81 13.01
CA ARG A 279 -1.36 -10.38 12.85
C ARG A 279 -1.98 -9.94 11.54
N GLN A 280 -2.08 -8.62 11.39
CA GLN A 280 -2.71 -8.02 10.24
C GLN A 280 -1.76 -7.06 9.56
N SER A 281 -1.82 -7.01 8.24
CA SER A 281 -1.11 -6.00 7.46
C SER A 281 -2.09 -5.49 6.42
N LEU A 282 -2.43 -4.19 6.47
CA LEU A 282 -3.56 -3.62 5.77
C LEU A 282 -3.04 -2.43 4.95
N PRO A 283 -2.41 -2.69 3.81
CA PRO A 283 -1.91 -1.60 2.97
C PRO A 283 -3.00 -0.97 2.12
N PHE A 284 -2.86 0.34 1.90
CA PHE A 284 -3.60 1.07 0.87
C PHE A 284 -2.53 1.56 -0.08
N PHE A 285 -2.58 1.09 -1.33
CA PHE A 285 -1.61 1.48 -2.35
C PHE A 285 -2.21 2.67 -3.06
N VAL A 286 -1.54 3.83 -2.92
CA VAL A 286 -2.00 5.07 -3.52
C VAL A 286 -1.58 5.07 -5.01
N ASN A 287 -2.52 4.74 -5.87
CA ASN A 287 -2.32 4.63 -7.30
C ASN A 287 -3.14 5.75 -7.93
N LEU A 288 -2.67 6.29 -9.05
CA LEU A 288 -3.37 7.38 -9.72
C LEU A 288 -4.38 6.82 -10.71
N GLY A 289 -4.86 7.60 -11.66
CA GLY A 289 -5.74 7.06 -12.69
C GLY A 289 -4.97 6.44 -13.82
N TYR A 290 -5.67 5.65 -14.63
CA TYR A 290 -4.99 4.88 -15.69
C TYR A 290 -4.22 5.73 -16.66
N ASP A 291 -4.76 6.90 -17.02
CA ASP A 291 -4.15 7.81 -17.99
C ASP A 291 -3.31 8.91 -17.32
N SER A 292 -3.19 8.91 -16.01
CA SER A 292 -2.43 9.92 -15.31
C SER A 292 -0.97 9.85 -15.74
N VAL A 293 -0.41 11.02 -16.06
CA VAL A 293 1.01 11.14 -16.39
C VAL A 293 1.56 12.37 -15.64
N ILE A 294 2.54 12.16 -14.80
CA ILE A 294 3.25 13.29 -14.17
C ILE A 294 4.58 13.45 -14.89
N ASP A 295 4.88 14.64 -15.33
CA ASP A 295 6.14 14.89 -16.05
C ASP A 295 7.29 14.79 -15.06
N PRO A 296 8.26 13.93 -15.28
CA PRO A 296 9.33 13.77 -14.28
C PRO A 296 10.13 15.04 -14.13
N PHE A 297 10.70 15.23 -12.93
CA PHE A 297 11.52 16.41 -12.65
C PHE A 297 12.62 16.00 -11.67
N ASP A 298 13.51 16.93 -11.34
CA ASP A 298 14.64 16.66 -10.45
C ASP A 298 14.84 17.87 -9.55
N PRO A 299 14.40 17.81 -8.29
CA PRO A 299 14.56 18.93 -7.34
C PRO A 299 15.97 19.16 -6.87
N ARG A 300 16.93 18.37 -7.39
CA ARG A 300 18.34 18.63 -7.13
C ARG A 300 19.00 19.44 -8.23
N GLU A 301 18.33 19.63 -9.35
CA GLU A 301 18.98 20.34 -10.44
C GLU A 301 18.42 21.77 -10.48
N PRO A 302 19.31 22.76 -10.68
CA PRO A 302 18.82 24.16 -10.77
C PRO A 302 17.61 24.36 -11.67
N ASN A 303 17.60 23.77 -12.87
CA ASN A 303 16.44 23.94 -13.76
C ASN A 303 15.36 22.88 -13.58
N GLY A 304 15.50 21.97 -12.63
CA GLY A 304 14.50 20.96 -12.38
C GLY A 304 14.31 19.92 -13.44
N LYS A 305 15.13 19.92 -14.50
CA LYS A 305 14.86 18.97 -15.57
C LYS A 305 15.42 17.57 -15.27
N SER A 306 14.77 16.55 -15.83
N SER A 306 14.77 16.55 -15.85
CA SER A 306 15.19 15.17 -15.63
CA SER A 306 15.15 15.16 -15.64
C SER A 306 15.39 14.48 -16.97
C SER A 306 15.40 14.48 -16.99
N ASP A 307 16.24 13.45 -16.98
CA ASP A 307 16.55 12.69 -18.19
C ASP A 307 15.69 11.41 -18.24
N ARG A 308 14.57 11.43 -17.56
CA ARG A 308 13.60 10.33 -17.58
C ARG A 308 12.39 10.72 -18.42
N GLU A 309 11.71 9.68 -18.99
CA GLU A 309 10.57 9.89 -19.86
C GLU A 309 9.26 9.75 -19.10
N PRO A 310 8.22 10.48 -19.49
CA PRO A 310 6.93 10.36 -18.81
C PRO A 310 6.39 8.93 -18.97
N LEU A 311 5.77 8.47 -17.93
CA LEU A 311 5.21 7.14 -17.86
C LEU A 311 3.76 7.22 -17.37
N SER A 312 2.84 6.72 -18.18
CA SER A 312 1.44 6.70 -17.73
C SER A 312 1.28 5.76 -16.54
N TYR A 313 0.41 6.13 -15.62
CA TYR A 313 0.27 5.32 -14.39
C TYR A 313 -0.27 3.93 -14.68
N GLY A 314 -1.22 3.82 -15.60
CA GLY A 314 -1.79 2.50 -15.88
C GLY A 314 -0.77 1.51 -16.42
N ASP A 315 0.09 1.98 -17.32
CA ASP A 315 1.19 1.16 -17.83
C ASP A 315 2.12 0.75 -16.70
N TYR A 316 2.51 1.71 -15.87
CA TYR A 316 3.36 1.45 -14.71
C TYR A 316 2.75 0.35 -13.86
N LEU A 317 1.48 0.49 -13.52
CA LEU A 317 0.87 -0.37 -12.52
C LEU A 317 0.70 -1.78 -13.09
N GLN A 318 0.14 -1.90 -14.30
CA GLN A 318 -0.11 -3.26 -14.83
C GLN A 318 1.21 -4.03 -14.90
N ASN A 319 2.26 -3.38 -15.37
CA ASN A 319 3.54 -4.08 -15.53
C ASN A 319 4.21 -4.27 -14.19
N GLY A 320 4.07 -3.32 -13.25
CA GLY A 320 4.68 -3.44 -11.94
C GLY A 320 4.09 -4.60 -11.15
N LEU A 321 2.77 -4.77 -11.19
CA LEU A 321 2.14 -5.83 -10.41
C LEU A 321 2.53 -7.21 -10.94
N VAL A 322 2.61 -7.38 -12.26
CA VAL A 322 3.09 -8.63 -12.85
C VAL A 322 4.54 -8.87 -12.46
N SER A 323 5.35 -7.83 -12.52
CA SER A 323 6.76 -8.02 -12.20
C SER A 323 6.94 -8.43 -10.74
N LEU A 324 6.17 -7.84 -9.85
CA LEU A 324 6.32 -8.15 -8.42
C LEU A 324 5.93 -9.61 -8.16
N ILE A 325 4.87 -10.07 -8.80
CA ILE A 325 4.51 -11.51 -8.69
C ILE A 325 5.64 -12.38 -9.23
N ASN A 326 6.17 -12.05 -10.39
CA ASN A 326 7.29 -12.83 -10.94
C ASN A 326 8.50 -12.88 -10.00
N LYS A 327 8.82 -11.74 -9.35
CA LYS A 327 10.01 -11.65 -8.50
C LYS A 327 9.79 -12.39 -7.18
N ASN A 328 8.65 -12.13 -6.52
CA ASN A 328 8.48 -12.52 -5.10
C ASN A 328 7.34 -13.48 -4.88
N GLY A 329 6.70 -13.97 -5.94
CA GLY A 329 5.68 -15.00 -5.82
C GLY A 329 4.26 -14.46 -5.83
N GLN A 330 3.35 -15.29 -6.26
CA GLN A 330 1.93 -14.96 -6.14
C GLN A 330 1.55 -14.98 -4.66
N THR A 331 1.02 -13.86 -4.15
CA THR A 331 0.55 -13.79 -2.78
C THR A 331 -0.85 -14.37 -2.61
#